data_1FG0
#
_entry.id   1FG0
#
_cell.length_a   212.000
_cell.length_b   300.000
_cell.length_c   574.000
_cell.angle_alpha   90.00
_cell.angle_beta   90.00
_cell.angle_gamma   90.00
#
_symmetry.space_group_name_H-M   'C 2 2 21'
#
loop_
_entity.id
_entity.type
_entity.pdbx_description
1 polymer '23S RIBOSOMAL RNA'
2 polymer "5'-R(CCGGCGGGCUGGUUCAAACCGGCCCGCCGGACC)-3'-5'-R(P-PUROMYCIN)-3'"
#
loop_
_entity_poly.entity_id
_entity_poly.type
_entity_poly.pdbx_seq_one_letter_code
_entity_poly.pdbx_strand_id
1 'polyribonucleotide'
;UUCCAGUGCGGAGUCUGGAGACACCCAGGGGGAAGCGAAGACCCUAUGGAGCUUUACUGCAGGCUGUCGCUGAGACGUGG
UCGCCGAUGUGCAGCAUAGGUAGGAGACACUACACAGGUACCCGCGCUAGCGGGCCACCGAGUCAACAGUGAAAUACUAC
CCGUCGGUGACUGCGACUCUCACUCCGGGAGGAGGACACCGAUAGCCGGGCAGUUUGACUGGGGCGGUACGCGCUCGAAA
AGAUAUCGAGCGCGCCCUAUGGCUAUCUCAGCCGGGACAGAGACCCGGCGAAGAGUGCAAGAGCAAAAGAUAGCUUGACA
GUGUUCUUCCCAACGAGGAACGCUGACGCGAAAGCGUGGUCUAGCGAACCAAUUAGCCUGCUUGAUGCGGGCAAUUGAUG
ACAGAAAAGCUACCCUAGGGAUAACAGAGUCGUCACUCGCAAGAGCACAUAUCGACCGAGUGGCUUGCUACCUCGAUGUC
GGUUCCCUCCAUCCUGCCCGUGCAGAAGCGGGCAAGGGUGAGGUUGUUCGCCUAUUAAAGGAGGUCGUGAGCUGGGUUUA
GACCGUCGUGAGACAGGUCGGCUGCUAUCUACUGGGUGUGUA
;
A
2 'polyribonucleotide' CCGGCGGGCUGGUUCAAACCGGCCCGCCGGACC(PPU) B
#